data_7L17
#
_entry.id   7L17
#
_cell.length_a   126.364
_cell.length_b   126.364
_cell.length_c   104.334
_cell.angle_alpha   90.000
_cell.angle_beta   90.000
_cell.angle_gamma   120.000
#
_symmetry.space_group_name_H-M   'P 31 2 1'
#
loop_
_entity.id
_entity.type
_entity.pdbx_description
1 polymer 'Melibiose carrier protein'
2 non-polymer '4-nitrophenyl alpha-D-galactopyranoside'
#
_entity_poly.entity_id   1
_entity_poly.type   'polypeptide(L)'
_entity_poly.pdbx_seq_one_letter_code
;SISMTTKLSYGFGAFGKDFAIGIVYMYLMYYYTDVVGLSVGLVGTLFLVARIWDAINCPIMGWIVNATRSRWGKFKPWIL
IGTLTNSLVLFLLFSAHLFEGTAQVVFVCVTYILWGMTYTIMDIPFWSLVPTITLDKREREQLVPFPRFFASLAGFVTAG
ITLPFVSYVGGADRGFGFQMFTLVLIAFFIASTIVTLRNVHEVYSSDNGVTAGRPHLTLKTIVGLIYKNDQLSCLLGMAL
AYNIASNIINGFAIYYFTYVIGDADLFPYYLSYAGAANLLTLIVFPRLVKMLSRRILWAGASVMPVLSCAGLFAMALADI
HNAALIVAAGIFLNIGTALFWVLQVIMVADTVDYGEFKLNIRCESIAYSVQTMVVKGGSAFAAFFIALVLGLIGYTPNVA
QSAQTLQGMQFIMIVLPVLFFMMTLVLYFRYYRLNGDMLRKIQIHLLDKYRKTPPFVEQPDSPAISVVATSDVKAHHHHH
HHHHH
;
_entity_poly.pdbx_strand_id   A
#
loop_
_chem_comp.id
_chem_comp.type
_chem_comp.name
_chem_comp.formula
9PG D-saccharide '4-nitrophenyl alpha-D-galactopyranoside' 'C12 H15 N O8'
#
# COMPACT_ATOMS: atom_id res chain seq x y z
N SER A 1 15.15 23.24 5.43
CA SER A 1 14.74 23.11 4.03
C SER A 1 15.12 21.74 3.46
N ILE A 2 14.10 20.95 3.13
CA ILE A 2 14.31 19.77 2.30
C ILE A 2 14.43 20.25 0.86
N SER A 3 15.58 20.01 0.24
CA SER A 3 15.80 20.47 -1.13
C SER A 3 14.66 20.05 -2.03
N MET A 4 14.06 21.04 -2.71
CA MET A 4 13.00 20.74 -3.66
C MET A 4 13.41 19.62 -4.62
N THR A 5 14.70 19.55 -4.95
CA THR A 5 15.17 18.50 -5.85
C THR A 5 15.02 17.12 -5.22
N THR A 6 15.35 16.98 -3.93
CA THR A 6 15.17 15.69 -3.26
C THR A 6 13.69 15.34 -3.18
N LYS A 7 12.83 16.32 -2.88
CA LYS A 7 11.39 16.06 -2.87
C LYS A 7 10.94 15.50 -4.21
N LEU A 8 11.31 16.17 -5.30
CA LEU A 8 10.85 15.74 -6.62
C LEU A 8 11.45 14.40 -7.03
N SER A 9 12.70 14.14 -6.64
CA SER A 9 13.33 12.88 -7.00
C SER A 9 12.69 11.72 -6.23
N TYR A 10 12.38 11.93 -4.95
CA TYR A 10 11.65 10.91 -4.20
C TYR A 10 10.25 10.71 -4.79
N GLY A 11 9.61 11.79 -5.23
CA GLY A 11 8.32 11.66 -5.87
C GLY A 11 8.37 10.81 -7.12
N PHE A 12 9.36 11.06 -7.98
CA PHE A 12 9.49 10.27 -9.20
C PHE A 12 9.87 8.83 -8.88
N GLY A 13 10.72 8.63 -7.87
CA GLY A 13 11.02 7.27 -7.43
C GLY A 13 9.76 6.52 -7.03
N ALA A 14 8.89 7.17 -6.25
CA ALA A 14 7.63 6.54 -5.86
C ALA A 14 6.72 6.32 -7.06
N PHE A 15 6.73 7.25 -8.02
CA PHE A 15 5.94 7.06 -9.23
C PHE A 15 6.36 5.79 -9.94
N GLY A 16 7.65 5.67 -10.25
CA GLY A 16 8.13 4.46 -10.91
C GLY A 16 7.90 3.22 -10.08
N LYS A 17 7.99 3.34 -8.75
CA LYS A 17 7.86 2.19 -7.86
C LYS A 17 6.44 1.64 -7.89
N ASP A 18 5.44 2.51 -7.82
CA ASP A 18 4.05 2.07 -7.84
C ASP A 18 3.50 1.90 -9.25
N PHE A 19 4.20 2.40 -10.26
CA PHE A 19 3.84 2.18 -11.66
C PHE A 19 4.24 0.79 -12.13
N ALA A 20 5.07 0.09 -11.37
CA ALA A 20 5.50 -1.26 -11.71
C ALA A 20 4.66 -2.34 -11.04
N ILE A 21 3.80 -1.99 -10.07
CA ILE A 21 2.99 -2.97 -9.37
C ILE A 21 1.50 -2.72 -9.60
N GLY A 22 1.14 -1.48 -9.91
CA GLY A 22 -0.26 -1.20 -10.19
C GLY A 22 -0.82 -2.10 -11.27
N ILE A 23 -0.02 -2.33 -12.32
CA ILE A 23 -0.46 -3.23 -13.39
C ILE A 23 -0.74 -4.62 -12.85
N VAL A 24 0.18 -5.15 -12.05
CA VAL A 24 0.00 -6.47 -11.44
C VAL A 24 -1.28 -6.44 -10.63
N TYR A 25 -1.30 -5.66 -9.55
CA TYR A 25 -2.46 -5.63 -8.66
C TYR A 25 -3.77 -5.53 -9.42
N MET A 26 -3.79 -4.75 -10.50
CA MET A 26 -5.06 -4.41 -11.15
C MET A 26 -5.49 -5.41 -12.21
N TYR A 27 -4.56 -5.91 -13.02
CA TYR A 27 -4.92 -6.74 -14.16
C TYR A 27 -4.23 -8.09 -14.20
N LEU A 28 -3.60 -8.55 -13.12
CA LEU A 28 -3.02 -9.88 -13.15
C LEU A 28 -4.11 -10.94 -13.13
N MET A 29 -5.22 -10.67 -12.43
CA MET A 29 -6.38 -11.55 -12.53
C MET A 29 -6.83 -11.69 -13.97
N TYR A 30 -7.03 -10.55 -14.64
CA TYR A 30 -7.49 -10.58 -16.03
C TYR A 30 -6.49 -11.30 -16.93
N TYR A 31 -5.21 -11.10 -16.69
CA TYR A 31 -4.20 -11.79 -17.49
C TYR A 31 -4.27 -13.29 -17.28
N TYR A 32 -4.26 -13.74 -16.02
CA TYR A 32 -4.16 -15.15 -15.73
C TYR A 32 -5.45 -15.90 -16.08
N THR A 33 -6.59 -15.23 -16.06
CA THR A 33 -7.86 -15.89 -16.35
C THR A 33 -8.34 -15.72 -17.78
N ASP A 34 -8.15 -14.53 -18.37
CA ASP A 34 -8.64 -14.20 -19.70
C ASP A 34 -7.61 -14.43 -20.80
N VAL A 35 -6.34 -14.65 -20.44
CA VAL A 35 -5.27 -14.84 -21.41
C VAL A 35 -4.59 -16.19 -21.24
N VAL A 36 -4.14 -16.49 -20.02
CA VAL A 36 -3.50 -17.78 -19.77
C VAL A 36 -4.53 -18.89 -19.67
N GLY A 37 -5.69 -18.61 -19.06
CA GLY A 37 -6.76 -19.56 -18.96
C GLY A 37 -6.60 -20.52 -17.79
N LEU A 38 -6.41 -19.97 -16.59
CA LEU A 38 -6.23 -20.76 -15.38
C LEU A 38 -7.48 -20.64 -14.50
N SER A 39 -7.74 -21.70 -13.75
CA SER A 39 -8.93 -21.74 -12.91
C SER A 39 -8.90 -20.60 -11.89
N VAL A 40 -10.07 -20.02 -11.64
CA VAL A 40 -10.16 -18.91 -10.68
C VAL A 40 -9.82 -19.39 -9.28
N GLY A 41 -10.18 -20.63 -8.94
CA GLY A 41 -9.83 -21.15 -7.63
C GLY A 41 -8.34 -21.26 -7.45
N LEU A 42 -7.63 -21.76 -8.47
CA LEU A 42 -6.18 -21.81 -8.42
C LEU A 42 -5.59 -20.42 -8.20
N VAL A 43 -6.05 -19.45 -8.99
CA VAL A 43 -5.51 -18.09 -8.90
C VAL A 43 -5.76 -17.51 -7.52
N GLY A 44 -6.96 -17.72 -6.98
CA GLY A 44 -7.28 -17.17 -5.67
C GLY A 44 -6.46 -17.80 -4.57
N THR A 45 -6.36 -19.13 -4.57
CA THR A 45 -5.52 -19.80 -3.58
C THR A 45 -4.09 -19.32 -3.66
N LEU A 46 -3.55 -19.19 -4.89
CA LEU A 46 -2.18 -18.72 -5.05
C LEU A 46 -2.02 -17.31 -4.50
N PHE A 47 -2.96 -16.42 -4.82
CA PHE A 47 -2.85 -15.04 -4.36
C PHE A 47 -2.89 -14.96 -2.84
N LEU A 48 -3.80 -15.72 -2.21
CA LEU A 48 -3.91 -15.69 -0.76
C LEU A 48 -2.66 -16.24 -0.09
N VAL A 49 -2.21 -17.42 -0.55
CA VAL A 49 -1.01 -18.02 0.02
C VAL A 49 0.18 -17.10 -0.16
N ALA A 50 0.29 -16.45 -1.33
CA ALA A 50 1.42 -15.58 -1.60
C ALA A 50 1.39 -14.33 -0.73
N ARG A 51 0.21 -13.78 -0.49
CA ARG A 51 0.11 -12.63 0.39
C ARG A 51 0.52 -13.00 1.82
N ILE A 52 0.04 -14.15 2.30
CA ILE A 52 0.44 -14.59 3.64
C ILE A 52 1.95 -14.77 3.72
N TRP A 53 2.52 -15.42 2.70
CA TRP A 53 3.95 -15.71 2.72
C TRP A 53 4.78 -14.44 2.60
N ASP A 54 4.32 -13.47 1.81
CA ASP A 54 5.03 -12.21 1.70
C ASP A 54 4.94 -11.42 3.01
N ALA A 55 3.78 -11.46 3.67
CA ALA A 55 3.67 -10.81 4.97
C ALA A 55 4.64 -11.43 5.97
N ILE A 56 4.76 -12.76 5.96
CA ILE A 56 5.74 -13.41 6.83
C ILE A 56 7.16 -13.02 6.41
N ASN A 57 7.39 -12.85 5.11
CA ASN A 57 8.73 -12.54 4.62
C ASN A 57 9.15 -11.12 4.98
N CYS A 58 8.18 -10.21 5.15
CA CYS A 58 8.50 -8.79 5.33
C CYS A 58 9.45 -8.55 6.50
N PRO A 59 9.13 -8.97 7.72
CA PRO A 59 10.11 -8.79 8.81
C PRO A 59 11.47 -9.38 8.50
N ILE A 60 11.53 -10.44 7.69
CA ILE A 60 12.81 -11.00 7.31
C ILE A 60 13.59 -9.99 6.47
N MET A 61 12.91 -9.32 5.53
CA MET A 61 13.58 -8.29 4.76
C MET A 61 13.99 -7.11 5.63
N GLY A 62 13.17 -6.78 6.63
CA GLY A 62 13.58 -5.74 7.57
C GLY A 62 14.87 -6.09 8.28
N TRP A 63 14.96 -7.31 8.80
CA TRP A 63 16.19 -7.77 9.43
C TRP A 63 17.36 -7.71 8.44
N ILE A 64 17.15 -8.14 7.21
CA ILE A 64 18.22 -8.12 6.21
C ILE A 64 18.71 -6.69 6.00
N VAL A 65 17.77 -5.76 5.83
CA VAL A 65 18.15 -4.38 5.57
C VAL A 65 18.84 -3.77 6.77
N ASN A 66 18.48 -4.19 7.98
CA ASN A 66 19.09 -3.61 9.17
C ASN A 66 20.53 -4.07 9.35
N ALA A 67 20.83 -5.31 8.97
CA ALA A 67 22.13 -5.91 9.20
C ALA A 67 23.08 -5.75 8.02
N THR A 68 22.72 -4.96 7.02
CA THR A 68 23.55 -4.81 5.82
C THR A 68 24.46 -3.60 5.98
N ARG A 69 25.75 -3.84 6.10
CA ARG A 69 26.76 -2.79 6.15
C ARG A 69 27.36 -2.67 4.75
N SER A 70 27.08 -1.55 4.08
CA SER A 70 27.48 -1.36 2.69
C SER A 70 27.96 0.07 2.47
N ARG A 71 28.55 0.28 1.29
CA ARG A 71 29.07 1.60 0.94
C ARG A 71 27.95 2.57 0.62
N TRP A 72 27.13 2.24 -0.38
CA TRP A 72 26.02 3.12 -0.76
C TRP A 72 25.13 3.44 0.43
N GLY A 73 25.05 2.54 1.40
CA GLY A 73 24.16 2.70 2.53
C GLY A 73 23.49 1.39 2.85
N LYS A 74 22.71 1.36 3.92
CA LYS A 74 21.98 0.16 4.31
C LYS A 74 20.64 0.03 3.60
N PHE A 75 20.29 0.98 2.74
CA PHE A 75 19.02 0.95 2.01
C PHE A 75 19.22 0.95 0.51
N LYS A 76 20.07 1.82 -0.02
CA LYS A 76 20.20 1.94 -1.47
C LYS A 76 20.62 0.65 -2.14
N PRO A 77 21.55 -0.15 -1.61
CA PRO A 77 21.91 -1.40 -2.32
C PRO A 77 20.71 -2.32 -2.50
N TRP A 78 19.94 -2.56 -1.44
CA TRP A 78 18.76 -3.41 -1.56
C TRP A 78 17.71 -2.76 -2.45
N ILE A 79 17.60 -1.44 -2.42
CA ILE A 79 16.67 -0.77 -3.35
C ILE A 79 17.03 -1.13 -4.78
N LEU A 80 18.30 -0.95 -5.16
CA LEU A 80 18.73 -1.25 -6.52
C LEU A 80 18.52 -2.71 -6.87
N ILE A 81 18.95 -3.61 -5.98
CA ILE A 81 18.83 -5.04 -6.24
C ILE A 81 17.36 -5.42 -6.44
N GLY A 82 16.51 -5.03 -5.50
CA GLY A 82 15.10 -5.35 -5.61
C GLY A 82 14.48 -4.77 -6.86
N THR A 83 14.81 -3.53 -7.19
CA THR A 83 14.25 -2.91 -8.39
C THR A 83 14.58 -3.74 -9.63
N LEU A 84 15.86 -4.04 -9.83
CA LEU A 84 16.26 -4.76 -11.04
C LEU A 84 15.66 -6.16 -11.07
N THR A 85 15.80 -6.90 -9.97
CA THR A 85 15.31 -8.28 -9.95
C THR A 85 13.79 -8.33 -10.10
N ASN A 86 13.08 -7.35 -9.54
CA ASN A 86 11.63 -7.33 -9.66
C ASN A 86 11.21 -6.92 -11.07
N SER A 87 11.97 -6.05 -11.73
CA SER A 87 11.70 -5.78 -13.15
C SER A 87 11.78 -7.07 -13.96
N LEU A 88 12.89 -7.79 -13.81
CA LEU A 88 13.06 -9.05 -14.53
C LEU A 88 11.92 -10.02 -14.22
N VAL A 89 11.59 -10.16 -12.93
CA VAL A 89 10.58 -11.13 -12.52
C VAL A 89 9.20 -10.69 -12.99
N LEU A 90 8.96 -9.39 -13.13
CA LEU A 90 7.68 -8.92 -13.65
C LEU A 90 7.53 -9.29 -15.12
N PHE A 91 8.59 -9.07 -15.90
CA PHE A 91 8.56 -9.50 -17.30
C PHE A 91 8.29 -11.01 -17.38
N LEU A 92 9.00 -11.81 -16.58
CA LEU A 92 8.76 -13.24 -16.58
C LEU A 92 7.33 -13.56 -16.16
N LEU A 93 6.82 -12.84 -15.16
CA LEU A 93 5.47 -13.04 -14.66
C LEU A 93 4.46 -12.92 -15.79
N PHE A 94 4.56 -11.87 -16.57
CA PHE A 94 3.61 -11.66 -17.67
C PHE A 94 4.02 -12.37 -18.96
N SER A 95 5.13 -13.11 -18.95
CA SER A 95 5.45 -14.00 -20.06
C SER A 95 4.87 -15.41 -19.88
N ALA A 96 3.85 -15.57 -19.03
CA ALA A 96 3.33 -16.90 -18.73
C ALA A 96 2.55 -17.51 -19.89
N HIS A 97 2.00 -16.69 -20.79
CA HIS A 97 1.18 -17.19 -21.89
C HIS A 97 1.95 -18.13 -22.81
N LEU A 98 3.28 -18.16 -22.72
CA LEU A 98 4.06 -18.94 -23.65
C LEU A 98 3.97 -20.43 -23.35
N PHE A 99 4.08 -20.80 -22.07
CA PHE A 99 4.10 -22.20 -21.69
C PHE A 99 2.68 -22.77 -21.66
N GLU A 100 2.59 -24.07 -21.35
CA GLU A 100 1.30 -24.75 -21.29
C GLU A 100 1.37 -25.88 -20.27
N GLY A 101 0.20 -26.36 -19.88
CA GLY A 101 0.13 -27.48 -18.96
C GLY A 101 0.83 -27.18 -17.64
N THR A 102 1.18 -28.27 -16.96
CA THR A 102 1.89 -28.14 -15.68
C THR A 102 3.05 -27.16 -15.79
N ALA A 103 3.77 -27.21 -16.92
CA ALA A 103 4.94 -26.35 -17.10
C ALA A 103 4.64 -24.91 -16.73
N GLN A 104 3.47 -24.40 -17.12
CA GLN A 104 3.14 -23.02 -16.77
C GLN A 104 2.51 -22.90 -15.39
N VAL A 105 1.72 -23.90 -14.96
CA VAL A 105 1.20 -23.87 -13.61
C VAL A 105 2.34 -23.75 -12.61
N VAL A 106 3.49 -24.35 -12.92
CA VAL A 106 4.69 -24.12 -12.14
C VAL A 106 5.22 -22.71 -12.39
N PHE A 107 5.42 -22.37 -13.67
CA PHE A 107 5.92 -21.05 -14.04
C PHE A 107 5.12 -19.95 -13.34
N VAL A 108 3.81 -19.92 -13.60
CA VAL A 108 2.95 -18.93 -12.96
C VAL A 108 3.13 -18.96 -11.45
N CYS A 109 3.20 -20.16 -10.88
CA CYS A 109 3.33 -20.28 -9.43
C CYS A 109 4.71 -19.85 -8.95
N VAL A 110 5.73 -20.01 -9.78
CA VAL A 110 7.10 -19.68 -9.36
C VAL A 110 7.41 -18.21 -9.59
N THR A 111 6.93 -17.64 -10.70
CA THR A 111 7.17 -16.22 -10.96
C THR A 111 6.43 -15.35 -9.96
N TYR A 112 5.14 -15.61 -9.76
CA TYR A 112 4.33 -14.76 -8.91
C TYR A 112 4.96 -14.58 -7.52
N ILE A 113 5.25 -15.68 -6.84
CA ILE A 113 5.89 -15.57 -5.52
C ILE A 113 7.19 -14.78 -5.64
N LEU A 114 8.00 -15.07 -6.66
CA LEU A 114 9.24 -14.34 -6.83
C LEU A 114 8.98 -12.86 -7.08
N TRP A 115 7.85 -12.52 -7.70
CA TRP A 115 7.51 -11.12 -7.89
C TRP A 115 7.18 -10.45 -6.56
N GLY A 116 6.55 -11.20 -5.64
CA GLY A 116 6.17 -10.60 -4.37
C GLY A 116 7.35 -10.36 -3.45
N MET A 117 8.24 -11.36 -3.35
CA MET A 117 9.42 -11.20 -2.52
C MET A 117 10.34 -10.12 -3.07
N THR A 118 10.63 -10.17 -4.37
CA THR A 118 11.53 -9.19 -4.99
C THR A 118 11.08 -7.76 -4.68
N TYR A 119 9.80 -7.46 -4.90
CA TYR A 119 9.33 -6.11 -4.60
C TYR A 119 9.60 -5.75 -3.15
N THR A 120 9.36 -6.67 -2.22
CA THR A 120 9.66 -6.40 -0.82
C THR A 120 11.09 -5.90 -0.67
N ILE A 121 12.04 -6.55 -1.36
CA ILE A 121 13.44 -6.19 -1.23
C ILE A 121 13.65 -4.70 -1.49
N MET A 122 12.88 -4.14 -2.42
CA MET A 122 12.98 -2.71 -2.69
C MET A 122 11.93 -1.88 -1.97
N ASP A 123 10.83 -2.49 -1.52
CA ASP A 123 9.75 -1.71 -0.94
C ASP A 123 10.09 -1.23 0.46
N ILE A 124 10.56 -2.13 1.31
CA ILE A 124 10.90 -1.81 2.70
C ILE A 124 11.96 -0.72 2.74
N PRO A 125 13.12 -0.88 2.09
CA PRO A 125 14.16 0.15 2.21
C PRO A 125 13.75 1.50 1.63
N PHE A 126 13.04 1.51 0.51
CA PHE A 126 12.68 2.77 -0.13
C PHE A 126 12.01 3.72 0.85
N TRP A 127 10.88 3.29 1.42
CA TRP A 127 10.17 4.13 2.37
C TRP A 127 11.00 4.38 3.63
N SER A 128 11.93 3.48 3.95
CA SER A 128 12.82 3.71 5.08
C SER A 128 13.67 4.96 4.88
N LEU A 129 13.69 5.55 3.68
CA LEU A 129 14.41 6.80 3.46
C LEU A 129 13.65 8.01 4.00
N VAL A 130 12.35 7.90 4.22
CA VAL A 130 11.59 9.03 4.74
C VAL A 130 12.15 9.49 6.08
N PRO A 131 12.30 8.62 7.09
CA PRO A 131 12.81 9.11 8.38
C PRO A 131 14.21 9.66 8.33
N THR A 132 15.06 9.19 7.42
CA THR A 132 16.42 9.70 7.34
C THR A 132 16.52 11.01 6.58
N ILE A 133 15.48 11.40 5.84
CA ILE A 133 15.52 12.67 5.12
C ILE A 133 15.33 13.84 6.09
N THR A 134 14.47 13.68 7.09
CA THR A 134 14.20 14.75 8.04
C THR A 134 13.59 14.18 9.30
N LEU A 135 13.62 14.98 10.37
CA LEU A 135 13.02 14.63 11.65
C LEU A 135 11.92 15.59 12.07
N ASP A 136 11.65 16.63 11.29
CA ASP A 136 10.73 17.68 11.69
C ASP A 136 9.30 17.33 11.27
N LYS A 137 8.34 17.80 12.08
CA LYS A 137 6.94 17.49 11.84
C LYS A 137 6.47 18.08 10.51
N ARG A 138 6.65 19.40 10.34
CA ARG A 138 6.15 20.04 9.13
C ARG A 138 6.94 19.63 7.90
N GLU A 139 8.24 19.37 8.05
CA GLU A 139 9.02 18.94 6.90
C GLU A 139 8.59 17.56 6.41
N ARG A 140 8.25 16.65 7.33
CA ARG A 140 7.68 15.38 6.92
C ARG A 140 6.30 15.58 6.28
N GLU A 141 5.50 16.47 6.87
CA GLU A 141 4.17 16.75 6.35
C GLU A 141 4.24 17.24 4.90
N GLN A 142 5.26 18.03 4.57
CA GLN A 142 5.41 18.51 3.19
C GLN A 142 6.31 17.63 2.34
N LEU A 143 6.97 16.63 2.94
CA LEU A 143 7.77 15.70 2.16
C LEU A 143 6.93 14.57 1.59
N VAL A 144 6.11 13.92 2.42
CA VAL A 144 5.46 12.68 2.01
C VAL A 144 4.37 12.89 0.95
N PRO A 145 3.71 14.06 0.88
CA PRO A 145 2.70 14.24 -0.17
C PRO A 145 3.25 14.02 -1.56
N PHE A 146 4.50 14.40 -1.81
CA PHE A 146 5.08 14.19 -3.14
C PHE A 146 5.06 12.72 -3.53
N PRO A 147 5.70 11.81 -2.79
CA PRO A 147 5.65 10.40 -3.18
C PRO A 147 4.25 9.83 -3.21
N ARG A 148 3.38 10.18 -2.25
CA ARG A 148 2.05 9.60 -2.29
C ARG A 148 1.26 10.06 -3.51
N PHE A 149 1.37 11.34 -3.86
CA PHE A 149 0.71 11.86 -5.05
C PHE A 149 1.22 11.15 -6.29
N PHE A 150 2.54 10.99 -6.41
CA PHE A 150 3.09 10.36 -7.60
C PHE A 150 2.68 8.90 -7.70
N ALA A 151 2.61 8.20 -6.57
CA ALA A 151 2.17 6.81 -6.58
C ALA A 151 0.72 6.71 -7.03
N SER A 152 -0.15 7.54 -6.46
CA SER A 152 -1.56 7.51 -6.86
C SER A 152 -1.72 7.82 -8.34
N LEU A 153 -0.96 8.80 -8.83
CA LEU A 153 -1.01 9.15 -10.24
C LEU A 153 -0.59 7.96 -11.11
N ALA A 154 0.48 7.27 -10.71
CA ALA A 154 0.88 6.06 -11.42
C ALA A 154 -0.26 5.07 -11.49
N GLY A 155 -0.92 4.82 -10.35
CA GLY A 155 -2.03 3.89 -10.35
C GLY A 155 -3.12 4.28 -11.33
N PHE A 156 -3.51 5.55 -11.33
CA PHE A 156 -4.64 5.96 -12.15
C PHE A 156 -4.29 5.95 -13.64
N VAL A 157 -3.08 6.42 -13.99
CA VAL A 157 -2.73 6.37 -15.40
C VAL A 157 -2.56 4.93 -15.85
N THR A 158 -2.12 4.04 -14.96
CA THR A 158 -2.13 2.62 -15.27
C THR A 158 -3.54 2.18 -15.65
N ALA A 159 -4.50 2.41 -14.75
CA ALA A 159 -5.89 2.05 -15.03
C ALA A 159 -6.33 2.59 -16.38
N GLY A 160 -5.92 3.81 -16.72
CA GLY A 160 -6.40 4.44 -17.93
C GLY A 160 -5.78 3.89 -19.20
N ILE A 161 -4.47 3.63 -19.17
CA ILE A 161 -3.71 3.40 -20.40
C ILE A 161 -3.30 1.94 -20.61
N THR A 162 -3.35 1.09 -19.59
CA THR A 162 -2.79 -0.25 -19.74
C THR A 162 -3.56 -1.07 -20.77
N LEU A 163 -4.90 -1.01 -20.73
CA LEU A 163 -5.68 -1.79 -21.69
C LEU A 163 -5.55 -1.22 -23.10
N PRO A 164 -5.70 0.08 -23.33
CA PRO A 164 -5.42 0.63 -24.67
C PRO A 164 -4.06 0.22 -25.23
N PHE A 165 -3.01 0.28 -24.41
CA PHE A 165 -1.68 -0.09 -24.90
C PHE A 165 -1.63 -1.55 -25.33
N VAL A 166 -2.18 -2.43 -24.49
CA VAL A 166 -2.17 -3.86 -24.82
C VAL A 166 -2.92 -4.11 -26.13
N SER A 167 -4.09 -3.49 -26.28
CA SER A 167 -4.88 -3.71 -27.48
C SER A 167 -4.15 -3.17 -28.71
N TYR A 168 -3.53 -2.00 -28.60
CA TYR A 168 -2.88 -1.38 -29.75
C TYR A 168 -1.63 -2.16 -30.16
N VAL A 169 -0.79 -2.51 -29.20
CA VAL A 169 0.50 -3.12 -29.52
C VAL A 169 0.33 -4.59 -29.89
N GLY A 170 -0.43 -5.34 -29.10
CA GLY A 170 -0.53 -6.77 -29.29
C GLY A 170 -1.75 -7.22 -30.06
N GLY A 171 -2.90 -6.64 -29.75
CA GLY A 171 -4.14 -7.05 -30.38
C GLY A 171 -4.59 -8.43 -29.93
N ALA A 172 -4.62 -9.39 -30.85
CA ALA A 172 -5.07 -10.74 -30.50
C ALA A 172 -4.15 -11.36 -29.45
N ASP A 173 -2.84 -11.23 -29.62
CA ASP A 173 -1.87 -11.74 -28.66
C ASP A 173 -1.78 -10.78 -27.48
N ARG A 174 -2.82 -10.81 -26.65
CA ARG A 174 -2.88 -9.89 -25.51
C ARG A 174 -1.71 -10.07 -24.55
N GLY A 175 -1.17 -11.29 -24.46
CA GLY A 175 -0.03 -11.51 -23.59
C GLY A 175 1.21 -10.78 -24.07
N PHE A 176 1.45 -10.80 -25.38
CA PHE A 176 2.56 -10.05 -25.93
C PHE A 176 2.42 -8.56 -25.62
N GLY A 177 1.21 -8.02 -25.78
CA GLY A 177 0.98 -6.63 -25.42
C GLY A 177 1.25 -6.36 -23.96
N PHE A 178 0.82 -7.28 -23.08
CA PHE A 178 1.06 -7.11 -21.65
C PHE A 178 2.56 -7.02 -21.35
N GLN A 179 3.35 -7.91 -21.95
CA GLN A 179 4.78 -7.90 -21.62
C GLN A 179 5.50 -6.70 -22.26
N MET A 180 5.04 -6.24 -23.42
CA MET A 180 5.59 -5.00 -23.98
C MET A 180 5.30 -3.81 -23.06
N PHE A 181 4.07 -3.73 -22.56
CA PHE A 181 3.76 -2.69 -21.59
C PHE A 181 4.63 -2.84 -20.34
N THR A 182 4.87 -4.08 -19.92
CA THR A 182 5.80 -4.33 -18.83
C THR A 182 7.13 -3.65 -19.11
N LEU A 183 7.60 -3.72 -20.35
CA LEU A 183 8.85 -3.04 -20.69
C LEU A 183 8.75 -1.55 -20.44
N VAL A 184 7.64 -0.94 -20.85
CA VAL A 184 7.44 0.49 -20.54
C VAL A 184 7.59 0.72 -19.03
N LEU A 185 6.89 -0.10 -18.25
CA LEU A 185 6.96 0.01 -16.79
C LEU A 185 8.40 -0.12 -16.31
N ILE A 186 9.15 -1.07 -16.86
CA ILE A 186 10.52 -1.30 -16.41
C ILE A 186 11.37 -0.07 -16.68
N ALA A 187 11.20 0.53 -17.86
CA ALA A 187 11.97 1.73 -18.17
C ALA A 187 11.70 2.83 -17.14
N PHE A 188 10.42 3.15 -16.94
CA PHE A 188 10.08 4.19 -15.96
C PHE A 188 10.62 3.84 -14.58
N PHE A 189 10.53 2.56 -14.22
CA PHE A 189 10.85 2.12 -12.86
C PHE A 189 12.35 2.18 -12.59
N ILE A 190 13.16 1.72 -13.55
CA ILE A 190 14.61 1.77 -13.36
C ILE A 190 15.11 3.21 -13.42
N ALA A 191 14.56 4.03 -14.33
CA ALA A 191 14.96 5.43 -14.35
C ALA A 191 14.61 6.11 -13.03
N SER A 192 13.43 5.79 -12.48
CA SER A 192 13.04 6.36 -11.20
C SER A 192 13.98 5.92 -10.08
N THR A 193 14.39 4.64 -10.10
CA THR A 193 15.34 4.17 -9.09
C THR A 193 16.65 4.92 -9.18
N ILE A 194 17.18 5.07 -10.39
CA ILE A 194 18.43 5.82 -10.56
C ILE A 194 18.27 7.23 -10.01
N VAL A 195 17.16 7.87 -10.35
CA VAL A 195 16.92 9.25 -9.90
C VAL A 195 16.93 9.32 -8.39
N THR A 196 16.11 8.48 -7.74
CA THR A 196 16.00 8.57 -6.28
C THR A 196 17.32 8.23 -5.61
N LEU A 197 18.05 7.23 -6.12
CA LEU A 197 19.31 6.86 -5.52
C LEU A 197 20.32 7.99 -5.61
N ARG A 198 20.38 8.67 -6.77
CA ARG A 198 21.39 9.71 -6.95
C ARG A 198 21.03 10.97 -6.16
N ASN A 199 19.78 11.42 -6.26
CA ASN A 199 19.42 12.75 -5.77
C ASN A 199 18.90 12.76 -4.34
N VAL A 200 18.54 11.62 -3.77
CA VAL A 200 18.05 11.56 -2.38
C VAL A 200 19.22 11.20 -1.49
N HIS A 201 19.52 12.08 -0.54
CA HIS A 201 20.67 11.94 0.34
C HIS A 201 20.22 11.72 1.77
N GLU A 202 20.85 10.76 2.44
CA GLU A 202 20.44 10.32 3.77
C GLU A 202 21.13 11.19 4.83
N VAL A 203 20.33 11.75 5.72
CA VAL A 203 20.81 12.68 6.75
C VAL A 203 20.85 12.01 8.12
N TYR A 204 19.75 11.39 8.53
CA TYR A 204 19.61 10.79 9.85
C TYR A 204 19.56 9.27 9.78
N SER A 205 20.40 8.70 8.92
CA SER A 205 20.37 7.25 8.69
C SER A 205 20.89 6.50 9.90
N SER A 206 20.44 5.24 10.02
CA SER A 206 20.96 4.35 11.04
C SER A 206 22.39 3.92 10.75
N ASP A 207 22.88 4.14 9.54
CA ASP A 207 24.25 3.81 9.18
C ASP A 207 25.21 4.98 9.41
N ASN A 208 24.72 6.11 9.89
CA ASN A 208 25.61 7.20 10.29
C ASN A 208 26.18 6.92 11.68
N GLY A 209 27.27 7.61 12.00
CA GLY A 209 27.98 7.32 13.24
C GLY A 209 27.25 7.76 14.48
N VAL A 210 26.51 8.87 14.40
CA VAL A 210 25.88 9.44 15.60
C VAL A 210 24.58 8.74 15.96
N THR A 211 23.98 7.98 15.05
CA THR A 211 22.70 7.34 15.31
C THR A 211 22.87 6.21 16.33
N ALA A 212 21.74 5.80 16.91
CA ALA A 212 21.73 4.79 17.95
C ALA A 212 21.49 3.37 17.43
N GLY A 213 21.44 3.19 16.12
CA GLY A 213 21.13 1.88 15.58
C GLY A 213 22.26 0.88 15.81
N ARG A 214 21.87 -0.37 16.04
CA ARG A 214 22.81 -1.48 16.18
C ARG A 214 22.65 -2.42 14.99
N PRO A 215 23.63 -2.50 14.08
CA PRO A 215 23.45 -3.40 12.93
C PRO A 215 23.36 -4.88 13.31
N HIS A 216 24.16 -5.31 14.29
CA HIS A 216 24.24 -6.73 14.63
C HIS A 216 23.16 -7.07 15.65
N LEU A 217 21.95 -7.20 15.14
CA LEU A 217 20.79 -7.58 15.93
C LEU A 217 20.16 -8.84 15.34
N THR A 218 19.45 -9.58 16.18
CA THR A 218 18.85 -10.84 15.75
C THR A 218 17.44 -10.60 15.21
N LEU A 219 16.90 -11.62 14.53
CA LEU A 219 15.53 -11.56 14.04
C LEU A 219 14.54 -11.54 15.19
N LYS A 220 14.78 -12.36 16.22
CA LYS A 220 13.96 -12.32 17.42
C LYS A 220 13.94 -10.91 18.01
N THR A 221 15.12 -10.31 18.19
CA THR A 221 15.20 -8.97 18.74
C THR A 221 14.42 -7.96 17.90
N ILE A 222 14.68 -7.96 16.59
CA ILE A 222 14.04 -6.96 15.73
C ILE A 222 12.52 -7.10 15.80
N VAL A 223 12.01 -8.32 15.56
CA VAL A 223 10.55 -8.47 15.57
C VAL A 223 9.98 -8.14 16.94
N GLY A 224 10.75 -8.36 18.00
CA GLY A 224 10.28 -7.96 19.32
C GLY A 224 10.20 -6.46 19.48
N LEU A 225 11.07 -5.72 18.79
CA LEU A 225 11.01 -4.26 18.85
C LEU A 225 9.69 -3.72 18.30
N ILE A 226 8.91 -4.53 17.59
CA ILE A 226 7.55 -4.12 17.23
C ILE A 226 6.67 -4.06 18.47
N TYR A 227 6.75 -5.09 19.32
CA TYR A 227 5.97 -5.11 20.54
C TYR A 227 6.47 -4.07 21.54
N LYS A 228 7.79 -3.95 21.66
CA LYS A 228 8.34 -2.98 22.62
C LYS A 228 7.97 -1.55 22.23
N ASN A 229 8.02 -1.24 20.94
CA ASN A 229 7.59 0.07 20.43
C ASN A 229 6.07 0.06 20.36
N ASP A 230 5.44 0.36 21.50
CA ASP A 230 3.98 0.30 21.59
C ASP A 230 3.33 1.15 20.52
N GLN A 231 3.97 2.26 20.12
CA GLN A 231 3.39 3.10 19.08
C GLN A 231 3.41 2.38 17.73
N LEU A 232 4.47 1.64 17.43
CA LEU A 232 4.49 0.87 16.20
C LEU A 232 3.45 -0.25 16.24
N SER A 233 3.21 -0.83 17.41
CA SER A 233 2.15 -1.84 17.52
C SER A 233 0.78 -1.23 17.28
N CYS A 234 0.54 -0.06 17.88
CA CYS A 234 -0.71 0.66 17.63
C CYS A 234 -0.87 0.96 16.15
N LEU A 235 0.22 1.38 15.49
CA LEU A 235 0.17 1.63 14.06
C LEU A 235 -0.15 0.35 13.29
N LEU A 236 0.46 -0.77 13.68
CA LEU A 236 0.16 -2.04 13.04
C LEU A 236 -1.33 -2.35 13.11
N GLY A 237 -1.90 -2.26 14.31
CA GLY A 237 -3.32 -2.52 14.45
C GLY A 237 -4.18 -1.58 13.63
N MET A 238 -3.89 -0.28 13.72
CA MET A 238 -4.68 0.72 12.99
C MET A 238 -4.63 0.48 11.49
N ALA A 239 -3.42 0.30 10.96
CA ALA A 239 -3.26 0.11 9.52
C ALA A 239 -3.89 -1.20 9.07
N LEU A 240 -3.79 -2.25 9.89
CA LEU A 240 -4.43 -3.50 9.52
C LEU A 240 -5.94 -3.34 9.43
N ALA A 241 -6.54 -2.67 10.42
CA ALA A 241 -7.98 -2.44 10.37
C ALA A 241 -8.37 -1.62 9.15
N TYR A 242 -7.65 -0.51 8.91
CA TYR A 242 -7.96 0.34 7.77
C TYR A 242 -7.83 -0.43 6.46
N ASN A 243 -6.80 -1.27 6.33
CA ASN A 243 -6.58 -2.02 5.10
C ASN A 243 -7.64 -3.09 4.91
N ILE A 244 -8.04 -3.77 5.99
CA ILE A 244 -9.11 -4.75 5.87
C ILE A 244 -10.38 -4.09 5.38
N ALA A 245 -10.74 -2.96 5.99
CA ALA A 245 -11.96 -2.27 5.57
C ALA A 245 -11.86 -1.78 4.12
N SER A 246 -10.72 -1.21 3.75
CA SER A 246 -10.56 -0.70 2.39
C SER A 246 -10.60 -1.82 1.37
N ASN A 247 -10.02 -2.98 1.71
CA ASN A 247 -10.06 -4.12 0.81
C ASN A 247 -11.48 -4.65 0.66
N ILE A 248 -12.24 -4.70 1.75
CA ILE A 248 -13.63 -5.15 1.65
C ILE A 248 -14.42 -4.21 0.75
N ILE A 249 -14.23 -2.90 0.91
CA ILE A 249 -14.96 -1.95 0.09
C ILE A 249 -14.55 -2.05 -1.37
N ASN A 250 -13.25 -2.23 -1.64
CA ASN A 250 -12.79 -2.34 -3.01
C ASN A 250 -13.30 -3.62 -3.66
N GLY A 251 -13.40 -4.70 -2.89
CA GLY A 251 -14.01 -5.90 -3.42
C GLY A 251 -15.47 -5.72 -3.74
N PHE A 252 -16.19 -5.00 -2.86
CA PHE A 252 -17.58 -4.67 -3.16
C PHE A 252 -17.68 -3.90 -4.48
N ALA A 253 -16.78 -2.94 -4.69
CA ALA A 253 -16.79 -2.19 -5.94
C ALA A 253 -16.46 -3.08 -7.14
N ILE A 254 -15.50 -3.98 -6.97
CA ILE A 254 -15.14 -4.88 -8.06
C ILE A 254 -16.33 -5.74 -8.46
N TYR A 255 -17.07 -6.25 -7.47
CA TYR A 255 -18.25 -7.04 -7.78
C TYR A 255 -19.35 -6.19 -8.42
N TYR A 256 -19.58 -4.99 -7.89
CA TYR A 256 -20.68 -4.15 -8.35
C TYR A 256 -20.38 -3.45 -9.67
N PHE A 257 -19.15 -3.49 -10.15
CA PHE A 257 -18.80 -2.99 -11.48
C PHE A 257 -18.55 -4.10 -12.48
N THR A 258 -17.75 -5.10 -12.13
CA THR A 258 -17.41 -6.17 -13.05
C THR A 258 -18.59 -7.09 -13.29
N TYR A 259 -19.18 -7.61 -12.20
CA TYR A 259 -20.28 -8.56 -12.34
C TYR A 259 -21.60 -7.84 -12.60
N VAL A 260 -21.98 -6.94 -11.70
CA VAL A 260 -23.15 -6.08 -11.92
C VAL A 260 -22.68 -4.90 -12.77
N ILE A 261 -23.15 -4.84 -14.02
CA ILE A 261 -22.70 -3.78 -14.91
C ILE A 261 -23.10 -2.41 -14.39
N GLY A 262 -24.13 -2.33 -13.57
CA GLY A 262 -24.62 -1.03 -13.12
C GLY A 262 -25.13 -0.25 -14.32
N ASP A 263 -24.48 0.88 -14.58
CA ASP A 263 -24.73 1.67 -15.78
C ASP A 263 -23.49 1.67 -16.67
N ALA A 264 -23.72 1.75 -17.97
CA ALA A 264 -22.61 1.73 -18.92
C ALA A 264 -21.74 2.96 -18.76
N ASP A 265 -20.43 2.76 -18.71
CA ASP A 265 -19.46 3.85 -18.61
C ASP A 265 -19.61 4.63 -17.31
N LEU A 266 -20.07 3.97 -16.25
CA LEU A 266 -20.04 4.59 -14.93
C LEU A 266 -18.66 4.50 -14.30
N PHE A 267 -17.91 3.43 -14.58
CA PHE A 267 -16.62 3.21 -13.95
C PHE A 267 -15.58 4.21 -14.42
N PRO A 268 -15.52 4.57 -15.71
CA PRO A 268 -14.58 5.63 -16.10
C PRO A 268 -14.81 6.94 -15.36
N TYR A 269 -16.06 7.40 -15.32
CA TYR A 269 -16.39 8.62 -14.60
C TYR A 269 -16.02 8.51 -13.12
N TYR A 270 -16.41 7.39 -12.50
CA TYR A 270 -16.11 7.17 -11.08
C TYR A 270 -14.60 7.21 -10.84
N LEU A 271 -13.84 6.51 -11.67
CA LEU A 271 -12.38 6.48 -11.51
C LEU A 271 -11.78 7.86 -11.68
N SER A 272 -12.23 8.62 -12.68
CA SER A 272 -11.67 9.95 -12.92
C SER A 272 -11.95 10.88 -11.75
N TYR A 273 -13.21 10.93 -11.31
CA TYR A 273 -13.56 11.81 -10.19
C TYR A 273 -12.82 11.39 -8.92
N ALA A 274 -12.75 10.09 -8.66
CA ALA A 274 -12.08 9.62 -7.46
C ALA A 274 -10.58 9.91 -7.49
N GLY A 275 -9.95 9.77 -8.67
CA GLY A 275 -8.55 10.11 -8.78
C GLY A 275 -8.31 11.59 -8.62
N ALA A 276 -9.20 12.41 -9.17
CA ALA A 276 -9.11 13.85 -8.92
C ALA A 276 -9.16 14.13 -7.42
N ALA A 277 -10.11 13.50 -6.72
CA ALA A 277 -10.22 13.72 -5.28
C ALA A 277 -8.94 13.30 -4.56
N ASN A 278 -8.44 12.10 -4.85
CA ASN A 278 -7.23 11.60 -4.21
C ASN A 278 -6.06 12.55 -4.43
N LEU A 279 -5.79 12.87 -5.70
CA LEU A 279 -4.62 13.68 -6.03
C LEU A 279 -4.75 15.09 -5.48
N LEU A 280 -5.96 15.65 -5.48
CA LEU A 280 -6.15 16.99 -4.96
C LEU A 280 -5.97 17.03 -3.45
N THR A 281 -6.55 16.07 -2.72
CA THR A 281 -6.38 16.05 -1.28
C THR A 281 -4.93 15.79 -0.90
N LEU A 282 -4.18 15.09 -1.76
CA LEU A 282 -2.75 14.95 -1.52
C LEU A 282 -2.01 16.27 -1.77
N ILE A 283 -2.42 16.99 -2.82
CA ILE A 283 -1.76 18.24 -3.16
C ILE A 283 -1.92 19.27 -2.05
N VAL A 284 -3.12 19.33 -1.46
CA VAL A 284 -3.42 20.33 -0.45
C VAL A 284 -3.19 19.83 0.96
N PHE A 285 -2.58 18.65 1.11
CA PHE A 285 -2.42 18.10 2.45
C PHE A 285 -1.60 18.99 3.37
N PRO A 286 -0.51 19.64 2.93
CA PRO A 286 0.20 20.53 3.86
C PRO A 286 -0.67 21.66 4.36
N ARG A 287 -1.40 22.32 3.45
CA ARG A 287 -2.31 23.39 3.85
C ARG A 287 -3.38 22.86 4.82
N LEU A 288 -3.88 21.65 4.58
CA LEU A 288 -4.92 21.11 5.45
C LEU A 288 -4.40 20.74 6.82
N VAL A 289 -3.22 20.13 6.88
CA VAL A 289 -2.64 19.75 8.17
C VAL A 289 -2.18 20.97 8.95
N LYS A 290 -1.93 22.10 8.27
CA LYS A 290 -1.73 23.34 9.01
C LYS A 290 -3.06 23.92 9.50
N MET A 291 -4.06 23.96 8.64
CA MET A 291 -5.36 24.50 9.04
C MET A 291 -6.01 23.62 10.11
N LEU A 292 -6.02 22.32 9.90
CA LEU A 292 -6.66 21.36 10.78
C LEU A 292 -5.60 20.47 11.43
N SER A 293 -5.92 19.96 12.61
CA SER A 293 -4.99 19.10 13.32
C SER A 293 -4.69 17.85 12.50
N ARG A 294 -3.52 17.25 12.78
CA ARG A 294 -3.20 15.94 12.23
C ARG A 294 -4.18 14.89 12.75
N ARG A 295 -4.58 15.01 14.02
CA ARG A 295 -5.59 14.12 14.58
C ARG A 295 -6.91 14.26 13.84
N ILE A 296 -7.31 15.50 13.54
CA ILE A 296 -8.55 15.72 12.80
C ILE A 296 -8.47 15.03 11.44
N LEU A 297 -7.30 15.09 10.80
CA LEU A 297 -7.17 14.49 9.48
C LEU A 297 -7.18 12.96 9.55
N TRP A 298 -6.62 12.36 10.59
CA TRP A 298 -6.74 10.91 10.74
C TRP A 298 -8.20 10.51 10.99
N ALA A 299 -8.86 11.22 11.91
CA ALA A 299 -10.27 10.96 12.15
C ALA A 299 -11.06 11.05 10.86
N GLY A 300 -10.78 12.07 10.04
CA GLY A 300 -11.46 12.19 8.77
C GLY A 300 -11.11 11.06 7.82
N ALA A 301 -9.84 10.64 7.82
CA ALA A 301 -9.43 9.52 6.97
C ALA A 301 -10.26 8.29 7.25
N SER A 302 -10.59 8.05 8.52
CA SER A 302 -11.45 6.90 8.82
C SER A 302 -12.93 7.22 8.62
N VAL A 303 -13.34 8.47 8.85
CA VAL A 303 -14.76 8.80 8.87
C VAL A 303 -15.34 8.92 7.47
N MET A 304 -14.64 9.62 6.58
CA MET A 304 -15.13 9.83 5.22
C MET A 304 -15.47 8.51 4.52
N PRO A 305 -14.61 7.50 4.50
CA PRO A 305 -15.03 6.19 3.98
C PRO A 305 -16.25 5.64 4.68
N VAL A 306 -16.38 5.89 5.99
CA VAL A 306 -17.55 5.41 6.71
C VAL A 306 -18.81 6.11 6.19
N LEU A 307 -18.69 7.39 5.86
CA LEU A 307 -19.82 8.09 5.25
C LEU A 307 -20.18 7.49 3.90
N SER A 308 -19.16 7.16 3.10
CA SER A 308 -19.42 6.48 1.83
C SER A 308 -20.18 5.18 2.06
N CYS A 309 -19.71 4.37 3.01
CA CYS A 309 -20.37 3.11 3.32
C CYS A 309 -21.82 3.34 3.72
N ALA A 310 -22.08 4.36 4.55
CA ALA A 310 -23.44 4.61 4.98
C ALA A 310 -24.33 5.03 3.81
N GLY A 311 -23.82 5.91 2.95
CA GLY A 311 -24.61 6.34 1.81
C GLY A 311 -24.98 5.19 0.90
N LEU A 312 -24.00 4.35 0.56
CA LEU A 312 -24.31 3.25 -0.34
C LEU A 312 -25.02 2.10 0.39
N PHE A 313 -24.97 2.05 1.72
CA PHE A 313 -25.88 1.21 2.49
C PHE A 313 -27.32 1.66 2.27
N ALA A 314 -27.57 2.96 2.40
CA ALA A 314 -28.89 3.51 2.09
C ALA A 314 -29.31 3.15 0.67
N MET A 315 -28.37 3.25 -0.28
CA MET A 315 -28.68 2.86 -1.65
C MET A 315 -29.06 1.38 -1.73
N ALA A 316 -28.36 0.53 -0.98
CA ALA A 316 -28.71 -0.89 -0.96
C ALA A 316 -30.13 -1.10 -0.44
N LEU A 317 -30.49 -0.41 0.64
CA LEU A 317 -31.86 -0.53 1.15
C LEU A 317 -32.87 -0.07 0.12
N ALA A 318 -32.56 1.00 -0.61
CA ALA A 318 -33.42 1.52 -1.66
C ALA A 318 -32.96 0.96 -3.01
N ASP A 319 -33.30 1.64 -4.09
CA ASP A 319 -32.86 1.21 -5.42
C ASP A 319 -31.38 1.55 -5.61
N ILE A 320 -30.65 0.60 -6.21
CA ILE A 320 -29.21 0.76 -6.43
C ILE A 320 -28.99 1.36 -7.81
N HIS A 321 -29.30 2.64 -7.98
CA HIS A 321 -29.33 3.25 -9.30
C HIS A 321 -28.56 4.57 -9.37
N ASN A 322 -28.57 5.36 -8.31
CA ASN A 322 -27.99 6.69 -8.37
C ASN A 322 -26.50 6.63 -8.67
N ALA A 323 -26.11 7.16 -9.83
CA ALA A 323 -24.69 7.27 -10.16
C ALA A 323 -24.01 8.32 -9.30
N ALA A 324 -24.74 9.39 -8.95
CA ALA A 324 -24.17 10.42 -8.10
C ALA A 324 -23.75 9.84 -6.76
N LEU A 325 -24.59 9.00 -6.16
CA LEU A 325 -24.21 8.36 -4.90
C LEU A 325 -22.93 7.56 -5.04
N ILE A 326 -22.81 6.81 -6.15
CA ILE A 326 -21.64 5.96 -6.34
C ILE A 326 -20.39 6.80 -6.47
N VAL A 327 -20.42 7.81 -7.34
CA VAL A 327 -19.22 8.61 -7.55
C VAL A 327 -18.88 9.43 -6.29
N ALA A 328 -19.89 9.87 -5.54
CA ALA A 328 -19.62 10.62 -4.32
C ALA A 328 -19.01 9.72 -3.25
N ALA A 329 -19.52 8.49 -3.13
CA ALA A 329 -18.90 7.53 -2.23
C ALA A 329 -17.45 7.28 -2.63
N GLY A 330 -17.18 7.14 -3.92
CA GLY A 330 -15.81 6.98 -4.38
C GLY A 330 -14.94 8.17 -4.02
N ILE A 331 -15.47 9.38 -4.19
CA ILE A 331 -14.72 10.59 -3.87
C ILE A 331 -14.37 10.63 -2.39
N PHE A 332 -15.37 10.38 -1.54
CA PHE A 332 -15.14 10.34 -0.10
C PHE A 332 -14.08 9.31 0.26
N LEU A 333 -14.24 8.10 -0.27
CA LEU A 333 -13.31 7.02 0.03
C LEU A 333 -11.89 7.39 -0.40
N ASN A 334 -11.73 8.01 -1.56
CA ASN A 334 -10.40 8.33 -2.04
C ASN A 334 -9.75 9.44 -1.22
N ILE A 335 -10.53 10.45 -0.84
CA ILE A 335 -10.02 11.44 0.09
C ILE A 335 -9.50 10.76 1.34
N GLY A 336 -10.30 9.86 1.90
CA GLY A 336 -9.90 9.17 3.11
C GLY A 336 -8.63 8.35 2.94
N THR A 337 -8.52 7.63 1.82
CA THR A 337 -7.35 6.78 1.61
C THR A 337 -6.08 7.61 1.41
N ALA A 338 -6.19 8.73 0.68
CA ALA A 338 -5.03 9.60 0.53
C ALA A 338 -4.57 10.13 1.89
N LEU A 339 -5.51 10.67 2.67
CA LEU A 339 -5.17 11.13 4.01
C LEU A 339 -4.49 10.02 4.81
N PHE A 340 -5.06 8.81 4.75
CA PHE A 340 -4.52 7.69 5.50
C PHE A 340 -3.09 7.40 5.11
N TRP A 341 -2.80 7.34 3.81
CA TRP A 341 -1.46 6.94 3.37
C TRP A 341 -0.42 7.99 3.75
N VAL A 342 -0.73 9.27 3.50
CA VAL A 342 0.21 10.33 3.88
C VAL A 342 0.48 10.27 5.37
N LEU A 343 -0.59 10.29 6.18
CA LEU A 343 -0.42 10.27 7.63
C LEU A 343 0.30 9.01 8.09
N GLN A 344 0.07 7.88 7.40
CA GLN A 344 0.69 6.63 7.79
C GLN A 344 2.19 6.66 7.58
N VAL A 345 2.63 7.18 6.44
CA VAL A 345 4.07 7.26 6.19
C VAL A 345 4.72 8.16 7.24
N ILE A 346 4.13 9.34 7.46
CA ILE A 346 4.68 10.23 8.49
C ILE A 346 4.70 9.53 9.85
N MET A 347 3.69 8.70 10.12
CA MET A 347 3.57 8.07 11.42
C MET A 347 4.58 6.96 11.61
N VAL A 348 4.88 6.21 10.54
CA VAL A 348 5.95 5.22 10.59
C VAL A 348 7.28 5.90 10.91
N ALA A 349 7.55 7.04 10.27
CA ALA A 349 8.77 7.78 10.59
C ALA A 349 8.77 8.23 12.06
N ASP A 350 7.66 8.76 12.53
CA ASP A 350 7.56 9.16 13.93
C ASP A 350 7.77 7.97 14.86
N THR A 351 7.33 6.78 14.46
CA THR A 351 7.51 5.60 15.29
C THR A 351 8.97 5.16 15.34
N VAL A 352 9.72 5.33 14.25
CA VAL A 352 11.14 5.00 14.34
C VAL A 352 11.84 5.99 15.28
N ASP A 353 11.46 7.27 15.20
CA ASP A 353 12.05 8.24 16.14
C ASP A 353 11.70 7.91 17.58
N TYR A 354 10.44 7.51 17.82
CA TYR A 354 10.04 7.11 19.17
C TYR A 354 10.75 5.84 19.61
N GLY A 355 11.08 4.96 18.66
CA GLY A 355 11.88 3.80 19.02
C GLY A 355 13.26 4.19 19.50
N GLU A 356 13.91 5.13 18.82
CA GLU A 356 15.17 5.65 19.35
C GLU A 356 14.95 6.31 20.70
N PHE A 357 13.81 6.99 20.88
CA PHE A 357 13.54 7.68 22.13
C PHE A 357 13.43 6.72 23.31
N LYS A 358 12.72 5.60 23.13
CA LYS A 358 12.41 4.69 24.22
C LYS A 358 13.44 3.56 24.36
N LEU A 359 13.71 2.85 23.27
CA LEU A 359 14.56 1.66 23.32
C LEU A 359 16.03 1.97 23.03
N ASN A 360 16.35 3.19 22.60
CA ASN A 360 17.73 3.55 22.24
C ASN A 360 18.20 2.76 21.03
N ILE A 361 17.29 2.47 20.10
CA ILE A 361 17.61 1.79 18.84
C ILE A 361 16.84 2.47 17.73
N ARG A 362 17.51 2.74 16.61
CA ARG A 362 16.88 3.32 15.42
C ARG A 362 16.77 2.23 14.36
N CYS A 363 15.53 1.82 14.05
CA CYS A 363 15.26 0.79 13.06
C CYS A 363 14.13 1.27 12.16
N GLU A 364 14.50 1.90 11.04
CA GLU A 364 13.52 2.31 10.04
C GLU A 364 12.96 1.10 9.30
N SER A 365 13.84 0.15 9.01
CA SER A 365 13.45 -1.00 8.20
C SER A 365 12.30 -1.77 8.84
N ILE A 366 12.28 -1.87 10.16
CA ILE A 366 11.25 -2.69 10.80
C ILE A 366 9.90 -1.98 10.75
N ALA A 367 9.88 -0.66 10.94
CA ALA A 367 8.61 0.06 10.88
C ALA A 367 8.02 -0.03 9.48
N TYR A 368 8.86 0.12 8.45
CA TYR A 368 8.29 0.00 7.10
C TYR A 368 8.04 -1.45 6.70
N SER A 369 8.73 -2.39 7.33
CA SER A 369 8.35 -3.79 7.22
C SER A 369 6.95 -4.01 7.76
N VAL A 370 6.64 -3.37 8.89
CA VAL A 370 5.28 -3.45 9.42
C VAL A 370 4.29 -2.84 8.43
N GLN A 371 4.67 -1.72 7.82
CA GLN A 371 3.76 -1.11 6.84
C GLN A 371 3.43 -2.06 5.70
N THR A 372 4.46 -2.61 5.05
CA THR A 372 4.22 -3.51 3.92
C THR A 372 3.54 -4.82 4.37
N MET A 373 4.01 -5.39 5.48
CA MET A 373 3.38 -6.57 6.05
C MET A 373 1.89 -6.34 6.26
N VAL A 374 1.52 -5.15 6.74
CA VAL A 374 0.12 -4.85 6.98
C VAL A 374 -0.62 -4.71 5.66
N VAL A 375 0.03 -4.14 4.64
CA VAL A 375 -0.63 -4.05 3.34
C VAL A 375 -1.00 -5.45 2.84
N LYS A 376 -0.07 -6.39 2.93
CA LYS A 376 -0.35 -7.76 2.47
C LYS A 376 -1.37 -8.44 3.38
N GLY A 377 -1.13 -8.41 4.68
CA GLY A 377 -1.98 -9.09 5.63
C GLY A 377 -3.37 -8.53 5.72
N GLY A 378 -3.58 -7.27 5.35
CA GLY A 378 -4.91 -6.72 5.34
C GLY A 378 -5.76 -7.36 4.27
N SER A 379 -5.21 -7.53 3.07
CA SER A 379 -5.91 -8.26 2.03
C SER A 379 -6.17 -9.70 2.47
N ALA A 380 -5.15 -10.36 3.01
CA ALA A 380 -5.34 -11.76 3.44
C ALA A 380 -6.44 -11.86 4.50
N PHE A 381 -6.39 -10.98 5.51
CA PHE A 381 -7.36 -11.02 6.60
C PHE A 381 -8.75 -10.64 6.11
N ALA A 382 -8.84 -9.69 5.18
CA ALA A 382 -10.14 -9.35 4.60
C ALA A 382 -10.73 -10.55 3.90
N ALA A 383 -9.91 -11.31 3.17
CA ALA A 383 -10.40 -12.53 2.55
C ALA A 383 -10.89 -13.51 3.61
N PHE A 384 -10.12 -13.67 4.69
CA PHE A 384 -10.53 -14.59 5.76
C PHE A 384 -11.87 -14.18 6.35
N PHE A 385 -12.02 -12.90 6.68
CA PHE A 385 -13.25 -12.43 7.30
C PHE A 385 -14.43 -12.52 6.34
N ILE A 386 -14.20 -12.23 5.06
CA ILE A 386 -15.27 -12.36 4.07
C ILE A 386 -15.71 -13.81 3.95
N ALA A 387 -14.76 -14.74 3.94
CA ALA A 387 -15.10 -16.16 3.86
C ALA A 387 -15.87 -16.60 5.10
N LEU A 388 -15.42 -16.16 6.28
CA LEU A 388 -16.14 -16.48 7.51
C LEU A 388 -17.58 -15.97 7.45
N VAL A 389 -17.75 -14.72 7.01
CA VAL A 389 -19.07 -14.12 6.95
C VAL A 389 -19.96 -14.88 5.95
N LEU A 390 -19.41 -15.18 4.77
CA LEU A 390 -20.20 -15.85 3.75
C LEU A 390 -20.58 -17.27 4.18
N GLY A 391 -19.66 -17.98 4.81
CA GLY A 391 -19.99 -19.30 5.33
C GLY A 391 -21.05 -19.23 6.42
N LEU A 392 -20.99 -18.19 7.26
CA LEU A 392 -22.01 -18.03 8.29
C LEU A 392 -23.37 -17.73 7.68
N ILE A 393 -23.39 -16.93 6.60
CA ILE A 393 -24.67 -16.59 5.98
C ILE A 393 -25.25 -17.74 5.17
N GLY A 394 -24.45 -18.77 4.88
CA GLY A 394 -24.91 -19.87 4.09
C GLY A 394 -24.55 -19.80 2.62
N TYR A 395 -23.67 -18.89 2.23
CA TYR A 395 -23.16 -18.83 0.86
C TYR A 395 -22.06 -19.85 0.60
N THR A 396 -21.73 -20.67 1.60
CA THR A 396 -20.63 -21.62 1.43
C THR A 396 -20.83 -22.58 0.26
N PRO A 397 -22.05 -22.96 -0.14
CA PRO A 397 -22.16 -23.71 -1.42
C PRO A 397 -21.73 -22.90 -2.62
N ASN A 398 -22.09 -21.61 -2.65
CA ASN A 398 -21.76 -20.75 -3.79
C ASN A 398 -22.40 -21.27 -5.07
N VAL A 399 -23.65 -21.75 -4.95
CA VAL A 399 -24.40 -22.30 -6.07
C VAL A 399 -25.66 -21.48 -6.34
N ALA A 400 -26.42 -21.17 -5.30
CA ALA A 400 -27.63 -20.36 -5.43
C ALA A 400 -28.14 -20.01 -4.04
N GLN A 401 -28.56 -18.77 -3.87
CA GLN A 401 -28.98 -18.27 -2.57
C GLN A 401 -30.19 -17.37 -2.73
N SER A 402 -30.93 -17.21 -1.63
CA SER A 402 -32.09 -16.34 -1.62
C SER A 402 -31.69 -14.90 -1.93
N ALA A 403 -32.54 -14.20 -2.68
CA ALA A 403 -32.28 -12.79 -2.96
C ALA A 403 -32.16 -12.00 -1.66
N GLN A 404 -32.99 -12.31 -0.67
CA GLN A 404 -32.86 -11.67 0.63
C GLN A 404 -31.54 -12.05 1.28
N THR A 405 -31.10 -13.30 1.11
CA THR A 405 -29.80 -13.69 1.63
C THR A 405 -28.69 -12.87 0.99
N LEU A 406 -28.78 -12.64 -0.32
CA LEU A 406 -27.78 -11.83 -1.00
C LEU A 406 -27.81 -10.38 -0.52
N GLN A 407 -29.00 -9.82 -0.32
CA GLN A 407 -29.10 -8.44 0.13
C GLN A 407 -28.58 -8.29 1.56
N GLY A 408 -28.86 -9.26 2.42
CA GLY A 408 -28.28 -9.23 3.76
C GLY A 408 -26.78 -9.40 3.74
N MET A 409 -26.28 -10.21 2.81
CA MET A 409 -24.83 -10.30 2.61
C MET A 409 -24.25 -8.95 2.25
N GLN A 410 -24.91 -8.22 1.35
CA GLN A 410 -24.46 -6.87 1.03
C GLN A 410 -24.45 -5.99 2.27
N PHE A 411 -25.54 -6.03 3.04
CA PHE A 411 -25.63 -5.20 4.24
C PHE A 411 -24.46 -5.48 5.18
N ILE A 412 -24.18 -6.76 5.43
CA ILE A 412 -23.09 -7.11 6.34
C ILE A 412 -21.74 -6.68 5.75
N MET A 413 -21.56 -6.89 4.44
CA MET A 413 -20.33 -6.46 3.79
C MET A 413 -20.13 -4.97 3.92
N ILE A 414 -21.23 -4.22 4.05
CA ILE A 414 -21.12 -2.78 4.21
C ILE A 414 -20.77 -2.44 5.65
N VAL A 415 -21.41 -3.11 6.60
CA VAL A 415 -21.23 -2.75 7.99
C VAL A 415 -19.84 -3.13 8.49
N LEU A 416 -19.29 -4.24 8.00
CA LEU A 416 -18.00 -4.72 8.51
C LEU A 416 -16.88 -3.70 8.31
N PRO A 417 -16.66 -3.14 7.12
CA PRO A 417 -15.65 -2.08 6.99
C PRO A 417 -15.83 -0.95 7.97
N VAL A 418 -17.08 -0.58 8.27
CA VAL A 418 -17.32 0.49 9.23
C VAL A 418 -16.83 0.09 10.61
N LEU A 419 -17.06 -1.17 10.99
CA LEU A 419 -16.54 -1.66 12.27
C LEU A 419 -15.02 -1.55 12.31
N PHE A 420 -14.35 -1.93 11.22
CA PHE A 420 -12.89 -1.86 11.21
C PHE A 420 -12.39 -0.41 11.26
N PHE A 421 -13.09 0.51 10.57
CA PHE A 421 -12.71 1.92 10.62
C PHE A 421 -12.91 2.48 12.02
N MET A 422 -14.00 2.11 12.68
CA MET A 422 -14.18 2.53 14.06
C MET A 422 -13.07 1.97 14.93
N MET A 423 -12.64 0.73 14.67
CA MET A 423 -11.52 0.18 15.41
C MET A 423 -10.28 1.04 15.25
N THR A 424 -9.96 1.44 14.01
CA THR A 424 -8.73 2.20 13.81
C THR A 424 -8.81 3.56 14.48
N LEU A 425 -9.95 4.27 14.36
CA LEU A 425 -10.02 5.59 14.99
C LEU A 425 -10.02 5.47 16.51
N VAL A 426 -10.72 4.47 17.04
CA VAL A 426 -10.75 4.27 18.49
C VAL A 426 -9.35 3.98 19.01
N LEU A 427 -8.63 3.08 18.35
CA LEU A 427 -7.29 2.72 18.79
C LEU A 427 -6.35 3.91 18.68
N TYR A 428 -6.47 4.68 17.60
CA TYR A 428 -5.65 5.87 17.44
C TYR A 428 -5.87 6.85 18.59
N PHE A 429 -7.13 7.13 18.92
CA PHE A 429 -7.40 8.13 19.95
C PHE A 429 -7.17 7.60 21.36
N ARG A 430 -7.18 6.29 21.57
CA ARG A 430 -6.98 5.75 22.90
C ARG A 430 -5.52 5.45 23.21
N TYR A 431 -4.72 5.07 22.22
CA TYR A 431 -3.36 4.59 22.49
C TYR A 431 -2.26 5.39 21.82
N TYR A 432 -2.54 6.13 20.75
CA TYR A 432 -1.49 6.82 20.00
C TYR A 432 -1.18 8.17 20.63
N ARG A 433 0.12 8.45 20.81
CA ARG A 433 0.57 9.64 21.51
C ARG A 433 1.51 10.53 20.69
N LEU A 434 1.95 10.08 19.52
CA LEU A 434 2.96 10.80 18.74
C LEU A 434 2.26 11.74 17.74
N ASN A 435 1.71 12.82 18.29
CA ASN A 435 1.01 13.81 17.45
C ASN A 435 1.38 15.24 17.79
N GLY A 436 1.67 15.54 19.06
CA GLY A 436 1.84 16.91 19.47
C GLY A 436 3.16 17.21 20.14
N ASP A 437 3.10 17.75 21.36
CA ASP A 437 4.32 18.09 22.09
C ASP A 437 5.24 16.88 22.23
N MET A 438 4.68 15.67 22.23
CA MET A 438 5.51 14.47 22.32
C MET A 438 6.42 14.35 21.11
N LEU A 439 5.90 14.66 19.92
CA LEU A 439 6.73 14.65 18.72
C LEU A 439 7.90 15.61 18.86
N ARG A 440 7.63 16.83 19.36
CA ARG A 440 8.70 17.80 19.54
C ARG A 440 9.71 17.33 20.58
N LYS A 441 9.23 16.73 21.67
CA LYS A 441 10.14 16.20 22.67
C LYS A 441 11.08 15.17 22.05
N ILE A 442 10.53 14.25 21.27
CA ILE A 442 11.36 13.22 20.65
C ILE A 442 12.34 13.84 19.67
N GLN A 443 11.87 14.80 18.87
CA GLN A 443 12.75 15.45 17.90
C GLN A 443 13.92 16.14 18.59
N ILE A 444 13.64 16.95 19.61
CA ILE A 444 14.70 17.66 20.30
C ILE A 444 15.63 16.70 21.02
N HIS A 445 15.07 15.64 21.63
CA HIS A 445 15.89 14.67 22.32
C HIS A 445 16.83 13.96 21.37
N LEU A 446 16.35 13.66 20.16
CA LEU A 446 17.21 13.00 19.18
C LEU A 446 18.29 13.95 18.67
N LEU A 447 17.91 15.18 18.32
CA LEU A 447 18.89 16.13 17.81
C LEU A 447 19.97 16.41 18.85
N ASP A 448 19.56 16.66 20.09
CA ASP A 448 20.55 16.90 21.15
C ASP A 448 21.38 15.65 21.42
N LYS A 449 20.76 14.48 21.38
CA LYS A 449 21.49 13.22 21.58
C LYS A 449 22.45 12.94 20.44
N TYR A 450 22.20 13.49 19.25
CA TYR A 450 23.07 13.27 18.09
C TYR A 450 24.33 14.12 18.26
N ARG A 451 25.22 13.64 19.11
CA ARG A 451 26.54 14.24 19.31
C ARG A 451 27.56 13.12 19.40
N LYS A 452 28.56 13.16 18.52
CA LYS A 452 29.45 12.02 18.33
C LYS A 452 30.03 11.54 19.65
N THR A 453 30.07 10.21 19.81
CA THR A 453 30.66 9.56 20.97
C THR A 453 30.41 10.31 22.28
C6 9PG B . 3.22 -2.65 -0.46
C5 9PG B . 2.75 -1.58 -1.35
C4 9PG B . 3.80 -0.47 -1.45
C3 9PG B . 3.30 0.67 -2.24
C2 9PG B . 1.98 1.18 -1.74
C1 9PG B . 0.94 0.05 -1.67
O8 9PG B . -5.73 -1.30 -2.92
N 9PG B . -4.76 -1.76 -3.76
O7 9PG B . -5.05 -2.44 -4.67
C9 9PG B . -3.33 -1.42 -3.54
C14 9PG B . -2.83 -0.21 -4.03
C13 9PG B . -1.48 0.12 -3.82
C12 9PG B . -0.66 -0.75 -3.14
C11 9PG B . -1.16 -1.96 -2.65
C10 9PG B . -2.49 -2.29 -2.85
O1 9PG B . 0.70 -0.40 -2.94
O2 9PG B . 1.50 2.21 -2.60
O3 9PG B . 4.29 1.75 -2.19
O4 9PG B . 4.11 0.02 -0.11
O5 9PG B . 1.43 -1.05 -0.84
O6 9PG B . 3.96 -3.55 -1.17
H61 9PG B . 3.76 -2.27 0.24
H62 9PG B . 2.45 -3.10 -0.07
H5 9PG B . 2.63 -1.97 -2.23
H4 9PG B . 4.60 -0.83 -1.84
H3 9PG B . 3.19 0.39 -3.17
H2 9PG B . 2.10 1.56 -0.86
H1 9PG B . 0.11 0.39 -1.30
H8 9PG B . -3.39 0.37 -4.48
H9 9PG B . -1.16 0.92 -4.15
H10 9PG B . -0.60 -2.54 -2.20
H11 9PG B . -2.82 -3.09 -2.53
HO2 9PG B . 2.16 2.69 -2.86
HO3 9PG B . 4.48 2.01 -2.98
HO4 9PG B . 4.95 -0.06 0.02
HO6 9PG B . 4.79 -3.38 -1.07
#